data_5RHM
#
_entry.id   5RHM
#
_cell.length_a   53.770
_cell.length_b   69.390
_cell.length_c   57.180
_cell.angle_alpha   90.000
_cell.angle_beta   92.030
_cell.angle_gamma   90.000
#
_symmetry.space_group_name_H-M   'P 1 21 1'
#
loop_
_entity.id
_entity.type
_entity.pdbx_description
1 polymer 'NS3 Helicase'
2 non-polymer 1,2-ETHANEDIOL
3 non-polymer 'PHOSPHATE ION'
4 non-polymer (4S)-2-METHYL-2,4-PENTANEDIOL
5 non-polymer N-[(2-fluorophenyl)methyl]-1H-pyrazol-4-amine
6 water water
#
_entity_poly.entity_id   1
_entity_poly.type   'polypeptide(L)'
_entity_poly.pdbx_seq_one_letter_code
;MLKKKQLTVLDLHPGAGKTRRVLPEIVREAIKKRLRTVILAPTRVVAAEMEEALRGLPVRYMTTAVNVTHSGTEIVDLMC
HATFTSRLLQPIRVPNYNLNIMDEAHFTDPSSIAARGYISTRVEMGEAAAIFMTATPPGTRDAFPDSNSPIMDTEVEVPE
RAWSSGFDWVTDHSGKTVWFVPSVRNGNEIAACLTKAGKRVIQLSRKTFETEFQKTKNQEWDFVITTDISEMGANFKADR
VIDSRRCLKPVILDGERVILAGPMPVTHASAAQRRGRIGRNPNKPGDEYMYGGGCAETDEGHAHWLEARMLLDNIYLQDG
LIASLYRPEADKVAAIEGEFKLRTEQRKTFVELMKRGDLPVWLAYQVASAGITYTDRRWCFDGTTNNTIMEDSVPAEVWT
KYGEKRVLKPRWMDARVCSDHAALKSFKEFAAGKR
;
_entity_poly.pdbx_strand_id   A
#
loop_
_chem_comp.id
_chem_comp.type
_chem_comp.name
_chem_comp.formula
EDO non-polymer 1,2-ETHANEDIOL 'C2 H6 O2'
MPD non-polymer (4S)-2-METHYL-2,4-PENTANEDIOL 'C6 H14 O2'
PO4 non-polymer 'PHOSPHATE ION' 'O4 P -3'
UQS non-polymer N-[(2-fluorophenyl)methyl]-1H-pyrazol-4-amine 'C10 H10 F N3'
#
# COMPACT_ATOMS: atom_id res chain seq x y z
N MET A 1 4.31 18.47 -20.33
CA MET A 1 4.43 17.83 -18.98
C MET A 1 5.86 18.00 -18.42
N LEU A 2 6.88 17.98 -19.30
CA LEU A 2 8.28 17.62 -18.95
C LEU A 2 9.09 18.84 -18.48
N LYS A 3 8.54 20.06 -18.59
CA LYS A 3 9.13 21.37 -18.16
C LYS A 3 9.27 21.43 -16.63
N LYS A 4 10.42 21.91 -16.15
CA LYS A 4 10.69 22.07 -14.70
C LYS A 4 9.49 22.79 -14.06
N LYS A 5 9.40 22.69 -12.74
CA LYS A 5 8.34 23.27 -11.88
C LYS A 5 6.96 22.80 -12.35
N GLN A 6 6.80 21.75 -13.17
CA GLN A 6 5.41 21.29 -13.45
C GLN A 6 5.08 19.95 -12.75
N LEU A 7 3.93 19.89 -12.08
CA LEU A 7 3.31 18.62 -11.64
C LEU A 7 2.03 18.39 -12.41
N THR A 8 1.96 17.31 -13.19
CA THR A 8 0.78 16.88 -13.97
C THR A 8 0.10 15.71 -13.29
N VAL A 9 -1.22 15.80 -13.12
CA VAL A 9 -2.06 14.67 -12.63
C VAL A 9 -2.68 14.08 -13.87
N LEU A 10 -2.20 12.90 -14.25
CA LEU A 10 -2.67 12.11 -15.41
C LEU A 10 -3.78 11.22 -14.85
N ASP A 11 -5.01 11.75 -14.94
CA ASP A 11 -6.23 11.27 -14.23
C ASP A 11 -7.19 10.69 -15.28
N LEU A 12 -6.64 10.05 -16.32
CA LEU A 12 -7.47 9.26 -17.26
C LEU A 12 -8.21 8.21 -16.41
N HIS A 13 -9.40 7.79 -16.83
CA HIS A 13 -10.19 6.77 -16.09
C HIS A 13 -9.45 5.43 -16.02
N PRO A 14 -9.85 4.55 -15.07
CA PRO A 14 -9.21 3.25 -14.90
C PRO A 14 -9.23 2.50 -16.25
N GLY A 15 -8.10 1.91 -16.64
CA GLY A 15 -7.97 1.11 -17.88
C GLY A 15 -7.91 1.97 -19.13
N ALA A 16 -7.71 3.28 -19.00
CA ALA A 16 -7.62 4.21 -20.16
C ALA A 16 -6.28 4.05 -20.90
N GLY A 17 -5.32 3.29 -20.34
CA GLY A 17 -4.01 2.98 -20.96
C GLY A 17 -2.86 3.85 -20.43
N LYS A 18 -2.99 4.39 -19.21
CA LYS A 18 -1.95 5.27 -18.59
C LYS A 18 -0.62 4.51 -18.55
N THR A 19 -0.63 3.25 -18.14
CA THR A 19 0.62 2.46 -17.96
C THR A 19 1.13 1.88 -19.31
N ARG A 20 0.25 1.33 -20.14
CA ARG A 20 0.67 0.55 -21.35
C ARG A 20 0.82 1.49 -22.55
N ARG A 21 0.10 2.62 -22.61
CA ARG A 21 0.18 3.49 -23.81
C ARG A 21 0.96 4.77 -23.49
N VAL A 22 0.51 5.57 -22.50
CA VAL A 22 1.07 6.91 -22.19
C VAL A 22 2.50 6.77 -21.62
N LEU A 23 2.72 5.90 -20.62
CA LEU A 23 4.05 5.83 -19.96
C LEU A 23 5.19 5.65 -20.97
N PRO A 24 5.18 4.71 -21.96
CA PRO A 24 6.32 4.57 -22.87
C PRO A 24 6.60 5.81 -23.74
N GLU A 25 5.53 6.54 -24.10
CA GLU A 25 5.60 7.82 -24.86
C GLU A 25 6.33 8.87 -24.01
N ILE A 26 5.90 9.02 -22.75
CA ILE A 26 6.60 9.91 -21.77
C ILE A 26 8.08 9.52 -21.70
N VAL A 27 8.37 8.24 -21.53
CA VAL A 27 9.78 7.79 -21.37
C VAL A 27 10.58 8.09 -22.63
N ARG A 28 10.05 7.82 -23.82
CA ARG A 28 10.77 8.13 -25.08
C ARG A 28 11.10 9.63 -25.11
N GLU A 29 10.13 10.49 -24.79
CA GLU A 29 10.37 11.96 -24.79
C GLU A 29 11.40 12.34 -23.72
N ALA A 30 11.34 11.77 -22.53
CA ALA A 30 12.35 12.02 -21.46
C ALA A 30 13.77 11.65 -21.92
N ILE A 31 13.99 10.49 -22.52
CA ILE A 31 15.34 10.08 -23.02
C ILE A 31 15.83 11.09 -24.10
N LYS A 32 14.95 11.45 -25.03
CA LYS A 32 15.20 12.47 -26.10
C LYS A 32 15.73 13.74 -25.44
N LYS A 33 15.10 14.17 -24.34
CA LYS A 33 15.48 15.45 -23.69
C LYS A 33 16.58 15.25 -22.65
N ARG A 34 17.18 14.06 -22.50
CA ARG A 34 18.26 13.77 -21.50
C ARG A 34 17.79 14.15 -20.10
N LEU A 35 16.53 13.85 -19.79
CA LEU A 35 15.98 14.05 -18.41
C LEU A 35 16.26 12.77 -17.62
N ARG A 36 17.03 12.89 -16.55
CA ARG A 36 17.21 11.77 -15.57
C ARG A 36 15.82 11.55 -14.94
N THR A 37 15.30 10.35 -15.09
CA THR A 37 13.88 10.06 -14.79
C THR A 37 13.79 8.88 -13.83
N VAL A 38 12.86 8.97 -12.88
CA VAL A 38 12.49 7.81 -12.05
C VAL A 38 11.03 7.49 -12.34
N ILE A 39 10.74 6.19 -12.38
CA ILE A 39 9.39 5.58 -12.56
C ILE A 39 9.13 4.75 -11.30
N LEU A 40 8.06 5.09 -10.61
CA LEU A 40 7.72 4.49 -9.29
C LEU A 40 6.51 3.60 -9.47
N ALA A 41 6.70 2.29 -9.31
CA ALA A 41 5.63 1.27 -9.36
C ALA A 41 5.15 1.00 -7.95
N PRO A 42 3.84 0.79 -7.71
CA PRO A 42 3.36 0.54 -6.35
C PRO A 42 3.80 -0.83 -5.80
N THR A 43 3.95 -1.82 -6.69
CA THR A 43 4.23 -3.24 -6.36
C THR A 43 5.18 -3.84 -7.38
N ARG A 44 5.80 -4.96 -7.01
N ARG A 44 5.77 -4.97 -7.02
CA ARG A 44 6.72 -5.71 -7.90
CA ARG A 44 6.72 -5.74 -7.86
C ARG A 44 5.92 -6.25 -9.08
C ARG A 44 5.96 -6.37 -9.03
N VAL A 45 4.64 -6.61 -8.85
CA VAL A 45 3.76 -7.11 -9.95
C VAL A 45 3.67 -6.01 -11.01
N VAL A 46 3.36 -4.78 -10.62
CA VAL A 46 3.28 -3.62 -11.57
C VAL A 46 4.67 -3.37 -12.18
N ALA A 47 5.75 -3.46 -11.42
CA ALA A 47 7.11 -3.22 -11.96
C ALA A 47 7.33 -4.15 -13.17
N ALA A 48 7.00 -5.43 -13.04
CA ALA A 48 7.13 -6.46 -14.11
C ALA A 48 6.27 -6.13 -15.33
N GLU A 49 5.02 -5.72 -15.15
CA GLU A 49 4.14 -5.29 -16.29
C GLU A 49 4.75 -4.09 -17.01
N MET A 50 5.39 -3.21 -16.24
CA MET A 50 6.00 -2.00 -16.84
C MET A 50 7.19 -2.44 -17.69
N GLU A 51 7.97 -3.41 -17.21
CA GLU A 51 9.15 -3.91 -17.98
C GLU A 51 8.67 -4.38 -19.35
N GLU A 52 7.56 -5.11 -19.38
CA GLU A 52 6.97 -5.62 -20.65
C GLU A 52 6.55 -4.44 -21.54
N ALA A 53 5.89 -3.41 -20.98
CA ALA A 53 5.37 -2.23 -21.69
C ALA A 53 6.50 -1.34 -22.19
N LEU A 54 7.65 -1.34 -21.52
CA LEU A 54 8.81 -0.48 -21.84
C LEU A 54 9.87 -1.35 -22.51
N ARG A 55 9.54 -2.56 -22.92
CA ARG A 55 10.57 -3.46 -23.50
C ARG A 55 11.13 -2.74 -24.73
N GLY A 56 12.46 -2.74 -24.88
CA GLY A 56 13.18 -2.06 -25.99
C GLY A 56 13.64 -0.65 -25.64
N LEU A 57 13.23 -0.09 -24.50
CA LEU A 57 13.70 1.25 -24.05
C LEU A 57 14.77 1.06 -23.00
N PRO A 58 15.74 1.99 -22.94
CA PRO A 58 16.82 1.92 -21.97
C PRO A 58 16.37 2.32 -20.55
N VAL A 59 15.93 1.34 -19.79
CA VAL A 59 15.42 1.53 -18.39
C VAL A 59 16.19 0.61 -17.46
N ARG A 60 16.73 1.15 -16.37
CA ARG A 60 17.38 0.40 -15.29
C ARG A 60 16.30 0.00 -14.27
N TYR A 61 16.10 -1.31 -14.12
CA TYR A 61 15.08 -1.94 -13.24
C TYR A 61 15.73 -2.21 -11.90
N MET A 62 15.44 -1.34 -10.93
CA MET A 62 16.06 -1.40 -9.59
C MET A 62 15.13 -2.21 -8.69
N THR A 63 14.86 -3.45 -9.12
CA THR A 63 13.90 -4.42 -8.52
C THR A 63 14.36 -5.82 -8.96
N THR A 64 14.30 -6.86 -8.09
CA THR A 64 14.65 -8.26 -8.50
C THR A 64 13.43 -8.94 -9.13
N ALA A 65 12.31 -8.22 -9.23
CA ALA A 65 11.06 -8.68 -9.87
C ALA A 65 11.23 -8.77 -11.39
N VAL A 66 12.33 -8.22 -11.91
CA VAL A 66 12.68 -8.13 -13.36
C VAL A 66 14.07 -8.75 -13.53
N ASN A 67 14.18 -9.85 -14.28
CA ASN A 67 15.47 -10.50 -14.68
C ASN A 67 15.80 -9.95 -16.07
N VAL A 68 16.65 -8.91 -16.13
CA VAL A 68 17.18 -8.26 -17.37
C VAL A 68 18.61 -7.79 -17.11
N THR A 69 19.50 -7.98 -18.10
CA THR A 69 20.89 -7.44 -18.11
C THR A 69 20.83 -5.99 -18.62
N HIS A 70 21.35 -5.04 -17.83
CA HIS A 70 21.37 -3.58 -18.12
C HIS A 70 22.61 -3.23 -18.95
N SER A 71 22.52 -2.18 -19.77
CA SER A 71 23.64 -1.66 -20.59
C SER A 71 24.68 -0.96 -19.69
N GLY A 72 24.24 -0.35 -18.58
CA GLY A 72 25.08 0.54 -17.75
C GLY A 72 24.90 2.00 -18.12
N THR A 73 24.16 2.28 -19.22
CA THR A 73 23.99 3.62 -19.86
C THR A 73 22.59 4.24 -19.64
N GLU A 74 21.69 3.57 -18.90
CA GLU A 74 20.28 4.03 -18.75
C GLU A 74 20.22 5.31 -17.89
N ILE A 75 19.44 6.31 -18.29
CA ILE A 75 19.18 7.53 -17.46
C ILE A 75 17.75 7.49 -16.88
N VAL A 76 17.06 6.38 -17.10
CA VAL A 76 15.69 6.16 -16.56
C VAL A 76 15.79 5.00 -15.57
N ASP A 77 15.41 5.23 -14.31
CA ASP A 77 15.41 4.21 -13.26
C ASP A 77 13.97 3.83 -12.95
N LEU A 78 13.71 2.55 -12.66
CA LEU A 78 12.35 2.10 -12.28
C LEU A 78 12.48 1.34 -10.96
N MET A 79 11.68 1.71 -9.96
CA MET A 79 11.72 1.04 -8.65
C MET A 79 10.36 1.16 -8.03
N CYS A 80 10.14 0.41 -6.96
CA CYS A 80 8.87 0.51 -6.20
C CYS A 80 8.75 1.85 -5.44
N HIS A 81 7.54 2.35 -5.20
CA HIS A 81 7.36 3.53 -4.28
C HIS A 81 8.21 3.38 -3.01
N ALA A 82 8.04 2.26 -2.31
CA ALA A 82 8.73 1.97 -1.02
C ALA A 82 10.25 2.03 -1.20
N THR A 83 10.80 1.54 -2.30
CA THR A 83 12.25 1.52 -2.54
C THR A 83 12.76 2.96 -2.64
N PHE A 84 12.02 3.82 -3.34
CA PHE A 84 12.38 5.25 -3.45
C PHE A 84 12.51 5.87 -2.07
N THR A 85 11.49 5.71 -1.24
CA THR A 85 11.46 6.35 0.08
C THR A 85 12.56 5.76 0.95
N SER A 86 12.74 4.46 0.85
CA SER A 86 13.76 3.71 1.62
C SER A 86 15.15 4.26 1.29
N ARG A 87 15.46 4.41 0.01
CA ARG A 87 16.80 4.92 -0.42
C ARG A 87 17.01 6.37 0.03
N LEU A 88 15.95 7.18 0.04
CA LEU A 88 16.08 8.57 0.49
C LEU A 88 16.45 8.57 1.98
N LEU A 89 15.85 7.65 2.73
CA LEU A 89 16.07 7.57 4.20
C LEU A 89 17.48 7.10 4.54
N GLN A 90 17.99 6.19 3.75
CA GLN A 90 19.30 5.55 3.99
C GLN A 90 20.42 6.46 3.53
N PRO A 91 21.65 6.25 4.07
CA PRO A 91 22.83 7.01 3.70
C PRO A 91 23.32 6.46 2.36
N ILE A 92 22.47 6.55 1.37
CA ILE A 92 22.68 6.05 -0.01
C ILE A 92 22.35 7.23 -0.92
N ARG A 93 23.17 7.46 -1.94
CA ARG A 93 23.02 8.57 -2.90
C ARG A 93 21.82 8.26 -3.78
N VAL A 94 20.88 9.19 -3.81
CA VAL A 94 19.72 9.14 -4.76
C VAL A 94 19.96 10.30 -5.70
N PRO A 95 19.99 10.08 -7.02
CA PRO A 95 20.27 11.17 -7.94
C PRO A 95 19.12 12.19 -7.88
N ASN A 96 19.41 13.37 -8.40
CA ASN A 96 18.42 14.47 -8.55
C ASN A 96 17.59 14.11 -9.79
N TYR A 97 16.43 13.49 -9.63
CA TYR A 97 15.66 13.17 -10.84
C TYR A 97 15.02 14.45 -11.36
N ASN A 98 15.24 14.73 -12.63
CA ASN A 98 14.63 15.88 -13.33
C ASN A 98 13.13 15.61 -13.53
N LEU A 99 12.77 14.35 -13.78
CA LEU A 99 11.38 13.94 -14.03
C LEU A 99 11.04 12.76 -13.11
N ASN A 100 9.93 12.90 -12.37
CA ASN A 100 9.48 11.96 -11.30
C ASN A 100 8.09 11.44 -11.70
N ILE A 101 8.02 10.19 -12.15
CA ILE A 101 6.73 9.62 -12.58
C ILE A 101 6.28 8.64 -11.51
N MET A 102 5.08 8.82 -10.96
CA MET A 102 4.53 7.87 -9.99
C MET A 102 3.30 7.23 -10.59
N ASP A 103 3.37 5.92 -10.83
CA ASP A 103 2.19 5.16 -11.28
C ASP A 103 1.40 4.72 -10.05
N GLU A 104 0.08 4.57 -10.24
CA GLU A 104 -0.90 4.22 -9.16
C GLU A 104 -0.68 5.18 -7.99
N ALA A 105 -0.76 6.48 -8.27
CA ALA A 105 -0.27 7.55 -7.39
C ALA A 105 -1.27 7.84 -6.27
N HIS A 106 -2.37 7.09 -6.21
CA HIS A 106 -3.38 7.16 -5.12
C HIS A 106 -2.94 6.30 -3.93
N PHE A 107 -1.89 5.48 -4.05
CA PHE A 107 -1.48 4.48 -3.03
C PHE A 107 -1.32 5.22 -1.70
N THR A 108 -1.98 4.74 -0.65
CA THR A 108 -1.99 5.43 0.65
C THR A 108 -1.08 4.75 1.69
N ASP A 109 -0.18 3.87 1.28
CA ASP A 109 0.85 3.39 2.21
C ASP A 109 1.79 4.53 2.54
N PRO A 110 2.28 4.57 3.79
CA PRO A 110 3.13 5.65 4.29
C PRO A 110 4.26 6.02 3.34
N SER A 111 4.97 5.01 2.81
CA SER A 111 6.11 5.29 1.91
C SER A 111 5.65 5.97 0.60
N SER A 112 4.48 5.66 0.10
CA SER A 112 3.90 6.31 -1.12
C SER A 112 3.55 7.77 -0.81
N ILE A 113 2.89 8.02 0.32
CA ILE A 113 2.49 9.39 0.70
C ILE A 113 3.77 10.19 0.84
N ALA A 114 4.79 9.62 1.50
CA ALA A 114 6.06 10.33 1.72
C ALA A 114 6.73 10.63 0.37
N ALA A 115 6.80 9.65 -0.52
CA ALA A 115 7.35 9.86 -1.86
C ALA A 115 6.60 11.04 -2.55
N ARG A 116 5.28 11.13 -2.46
CA ARG A 116 4.55 12.25 -3.14
C ARG A 116 4.94 13.58 -2.50
N GLY A 117 5.13 13.60 -1.18
CA GLY A 117 5.47 14.82 -0.43
C GLY A 117 6.82 15.34 -0.88
N TYR A 118 7.78 14.42 -0.95
CA TYR A 118 9.15 14.74 -1.37
C TYR A 118 9.11 15.26 -2.81
N ILE A 119 8.47 14.53 -3.71
CA ILE A 119 8.51 14.88 -5.15
C ILE A 119 7.82 16.24 -5.34
N SER A 120 6.64 16.43 -4.76
CA SER A 120 5.78 17.62 -4.99
C SER A 120 6.48 18.83 -4.37
N THR A 121 7.24 18.63 -3.30
CA THR A 121 8.05 19.71 -2.70
C THR A 121 9.16 20.12 -3.68
N ARG A 122 9.85 19.17 -4.27
CA ARG A 122 10.94 19.48 -5.24
C ARG A 122 10.33 20.28 -6.40
N VAL A 123 9.17 19.87 -6.89
CA VAL A 123 8.50 20.57 -8.02
C VAL A 123 8.12 22.00 -7.58
N GLU A 124 7.55 22.16 -6.39
CA GLU A 124 7.11 23.49 -5.89
C GLU A 124 8.33 24.40 -5.73
N MET A 125 9.49 23.84 -5.37
CA MET A 125 10.76 24.60 -5.28
C MET A 125 11.35 24.97 -6.64
N GLY A 126 10.83 24.43 -7.74
CA GLY A 126 11.31 24.73 -9.10
C GLY A 126 12.45 23.81 -9.50
N GLU A 127 12.62 22.67 -8.83
CA GLU A 127 13.82 21.83 -9.01
C GLU A 127 13.55 20.69 -9.98
N ALA A 128 12.31 20.34 -10.28
CA ALA A 128 11.99 19.10 -11.02
C ALA A 128 10.58 19.17 -11.56
N ALA A 129 10.25 18.17 -12.38
CA ALA A 129 8.92 17.94 -12.94
C ALA A 129 8.41 16.59 -12.39
N ALA A 130 7.11 16.40 -12.40
CA ALA A 130 6.51 15.16 -11.90
C ALA A 130 5.21 14.90 -12.63
N ILE A 131 4.94 13.62 -12.79
CA ILE A 131 3.66 13.15 -13.32
C ILE A 131 3.12 12.12 -12.33
N PHE A 132 1.91 12.36 -11.80
CA PHE A 132 1.19 11.41 -10.93
C PHE A 132 0.09 10.78 -11.75
N MET A 133 0.24 9.50 -12.04
CA MET A 133 -0.75 8.75 -12.83
C MET A 133 -1.71 8.05 -11.88
N THR A 134 -2.99 8.43 -11.94
CA THR A 134 -4.05 7.74 -11.19
C THR A 134 -5.41 8.23 -11.69
N ALA A 135 -6.34 7.31 -11.80
CA ALA A 135 -7.76 7.61 -12.05
C ALA A 135 -8.37 8.38 -10.88
N THR A 136 -7.79 8.26 -9.67
CA THR A 136 -8.46 8.73 -8.43
C THR A 136 -7.47 9.57 -7.62
N PRO A 137 -7.21 10.83 -8.01
CA PRO A 137 -6.27 11.67 -7.27
C PRO A 137 -6.81 12.01 -5.89
N PRO A 138 -5.94 12.41 -4.94
CA PRO A 138 -6.38 12.71 -3.57
C PRO A 138 -7.60 13.64 -3.47
N GLY A 139 -8.61 13.24 -2.70
CA GLY A 139 -9.81 14.06 -2.43
C GLY A 139 -10.93 13.86 -3.45
N THR A 140 -10.71 13.07 -4.49
CA THR A 140 -11.78 12.73 -5.46
C THR A 140 -13.02 12.27 -4.70
N ARG A 141 -14.16 12.69 -5.20
CA ARG A 141 -15.47 12.48 -4.57
C ARG A 141 -16.31 11.59 -5.48
N ASP A 142 -15.72 11.05 -6.56
CA ASP A 142 -16.48 10.27 -7.57
C ASP A 142 -16.12 8.78 -7.43
N ALA A 143 -17.00 7.99 -6.83
CA ALA A 143 -16.80 6.52 -6.70
C ALA A 143 -17.17 5.81 -8.00
N PHE A 144 -17.77 6.51 -8.97
CA PHE A 144 -18.29 5.87 -10.20
C PHE A 144 -17.73 6.52 -11.44
N PRO A 145 -16.41 6.53 -11.65
CA PRO A 145 -15.86 7.15 -12.85
C PRO A 145 -16.16 6.38 -14.14
N ASP A 146 -15.79 6.97 -15.27
CA ASP A 146 -15.95 6.32 -16.59
C ASP A 146 -15.16 5.03 -16.63
N SER A 147 -15.54 4.12 -17.53
CA SER A 147 -14.83 2.86 -17.76
C SER A 147 -14.76 2.61 -19.25
N ASN A 148 -13.93 1.65 -19.64
CA ASN A 148 -13.85 1.16 -21.04
C ASN A 148 -15.19 0.58 -21.49
N SER A 149 -15.89 -0.21 -20.66
CA SER A 149 -17.26 -0.73 -21.00
C SER A 149 -18.23 -0.41 -19.89
N PRO A 150 -19.54 -0.31 -20.23
CA PRO A 150 -20.58 -0.05 -19.24
C PRO A 150 -20.52 -1.06 -18.10
N ILE A 151 -20.71 -0.53 -16.91
CA ILE A 151 -20.76 -1.33 -15.65
C ILE A 151 -22.19 -1.31 -15.10
N MET A 152 -22.66 -2.46 -14.62
CA MET A 152 -23.94 -2.60 -13.86
C MET A 152 -23.62 -2.36 -12.39
N ASP A 153 -23.99 -1.20 -11.85
CA ASP A 153 -23.76 -0.81 -10.44
C ASP A 153 -24.99 -1.20 -9.61
N THR A 154 -24.84 -2.03 -8.58
CA THR A 154 -25.98 -2.41 -7.70
C THR A 154 -25.61 -2.24 -6.24
N GLU A 155 -26.35 -1.38 -5.53
CA GLU A 155 -26.25 -1.32 -4.05
C GLU A 155 -26.98 -2.53 -3.48
N VAL A 156 -26.29 -3.39 -2.73
CA VAL A 156 -26.86 -4.64 -2.18
C VAL A 156 -26.17 -5.01 -0.86
N GLU A 157 -26.88 -5.62 0.10
CA GLU A 157 -26.24 -6.21 1.30
C GLU A 157 -25.24 -7.28 0.88
N VAL A 158 -23.99 -7.08 1.27
CA VAL A 158 -22.88 -8.04 1.02
C VAL A 158 -22.58 -8.73 2.34
N PRO A 159 -22.42 -10.07 2.33
CA PRO A 159 -21.96 -10.79 3.51
C PRO A 159 -20.56 -10.37 3.95
N GLU A 160 -20.36 -10.27 5.26
CA GLU A 160 -19.01 -10.06 5.87
C GLU A 160 -18.67 -11.19 6.83
N ARG A 161 -19.50 -12.23 6.85
CA ARG A 161 -19.32 -13.46 7.64
C ARG A 161 -19.76 -14.64 6.80
N ALA A 162 -19.43 -15.85 7.20
CA ALA A 162 -20.04 -17.07 6.61
C ALA A 162 -21.56 -16.88 6.62
N TRP A 163 -22.23 -17.43 5.61
CA TRP A 163 -23.70 -17.39 5.45
C TRP A 163 -24.19 -18.75 4.97
N SER A 164 -25.43 -19.07 5.32
CA SER A 164 -26.13 -20.34 5.03
C SER A 164 -27.31 -20.08 4.07
N SER A 165 -27.78 -18.85 3.99
CA SER A 165 -29.00 -18.49 3.24
C SER A 165 -29.03 -16.98 3.00
N GLY A 166 -29.85 -16.54 2.07
CA GLY A 166 -30.19 -15.12 1.91
C GLY A 166 -29.28 -14.39 0.93
N PHE A 167 -28.22 -15.04 0.42
CA PHE A 167 -27.27 -14.39 -0.54
C PHE A 167 -27.05 -15.28 -1.77
N ASP A 168 -28.11 -15.83 -2.33
CA ASP A 168 -27.98 -16.83 -3.42
C ASP A 168 -27.24 -16.18 -4.62
N TRP A 169 -27.44 -14.89 -4.84
CA TRP A 169 -26.82 -14.14 -5.98
C TRP A 169 -25.30 -14.28 -5.96
N VAL A 170 -24.71 -14.44 -4.79
CA VAL A 170 -23.22 -14.54 -4.68
C VAL A 170 -22.72 -15.82 -5.39
N THR A 171 -23.31 -16.98 -5.08
CA THR A 171 -22.79 -18.30 -5.52
C THR A 171 -23.45 -18.72 -6.83
N ASP A 172 -24.61 -18.15 -7.17
CA ASP A 172 -25.34 -18.49 -8.43
C ASP A 172 -24.60 -17.97 -9.66
N HIS A 173 -23.65 -17.07 -9.49
CA HIS A 173 -22.83 -16.51 -10.59
C HIS A 173 -21.89 -17.55 -11.19
N SER A 174 -21.73 -17.55 -12.51
CA SER A 174 -20.92 -18.59 -13.22
C SER A 174 -19.60 -17.96 -13.70
N GLY A 175 -19.40 -16.66 -13.52
CA GLY A 175 -18.16 -15.97 -13.96
C GLY A 175 -17.14 -15.90 -12.85
N LYS A 176 -16.26 -14.94 -12.94
CA LYS A 176 -15.14 -14.75 -12.00
C LYS A 176 -15.36 -13.44 -11.25
N THR A 177 -15.20 -13.52 -9.92
CA THR A 177 -15.51 -12.42 -8.98
C THR A 177 -14.25 -12.00 -8.25
N VAL A 178 -14.00 -10.70 -8.21
CA VAL A 178 -13.04 -10.12 -7.24
C VAL A 178 -13.82 -9.52 -6.09
N TRP A 179 -13.52 -9.97 -4.87
CA TRP A 179 -14.28 -9.60 -3.66
C TRP A 179 -13.35 -8.88 -2.71
N PHE A 180 -13.60 -7.61 -2.47
CA PHE A 180 -12.81 -6.73 -1.54
C PHE A 180 -13.40 -6.83 -0.12
N VAL A 181 -12.56 -7.32 0.77
CA VAL A 181 -12.80 -7.47 2.23
C VAL A 181 -11.94 -6.48 3.01
N PRO A 182 -12.38 -6.09 4.21
CA PRO A 182 -11.59 -5.15 5.02
C PRO A 182 -10.33 -5.70 5.71
N SER A 183 -10.15 -7.02 5.78
CA SER A 183 -8.99 -7.58 6.53
C SER A 183 -8.74 -8.99 6.05
N VAL A 184 -7.52 -9.45 6.30
CA VAL A 184 -7.14 -10.86 6.04
C VAL A 184 -8.07 -11.78 6.81
N ARG A 185 -8.31 -11.53 8.10
CA ARG A 185 -9.13 -12.44 8.93
C ARG A 185 -10.56 -12.52 8.37
N ASN A 186 -11.15 -11.40 7.97
N ASN A 186 -11.12 -11.38 7.96
CA ASN A 186 -12.52 -11.38 7.36
CA ASN A 186 -12.47 -11.33 7.35
C ASN A 186 -12.50 -12.18 6.04
C ASN A 186 -12.49 -12.16 6.06
N GLY A 187 -11.48 -11.98 5.21
CA GLY A 187 -11.39 -12.75 3.95
C GLY A 187 -11.29 -14.25 4.20
N ASN A 188 -10.56 -14.65 5.25
CA ASN A 188 -10.35 -16.10 5.57
C ASN A 188 -11.74 -16.74 5.75
N GLU A 189 -12.62 -16.09 6.50
CA GLU A 189 -13.95 -16.64 6.86
C GLU A 189 -14.82 -16.72 5.61
N ILE A 190 -14.87 -15.66 4.80
CA ILE A 190 -15.61 -15.66 3.51
C ILE A 190 -15.01 -16.72 2.58
N ALA A 191 -13.71 -16.74 2.43
CA ALA A 191 -13.04 -17.73 1.57
C ALA A 191 -13.44 -19.14 1.99
N ALA A 192 -13.43 -19.45 3.28
CA ALA A 192 -13.77 -20.80 3.78
C ALA A 192 -15.22 -21.15 3.41
N CYS A 193 -16.15 -20.18 3.54
CA CYS A 193 -17.58 -20.38 3.24
C CYS A 193 -17.77 -20.67 1.74
N LEU A 194 -17.05 -19.93 0.87
CA LEU A 194 -17.10 -20.13 -0.60
C LEU A 194 -16.48 -21.50 -0.93
N THR A 195 -15.33 -21.83 -0.34
CA THR A 195 -14.68 -23.15 -0.55
C THR A 195 -15.66 -24.27 -0.19
N LYS A 196 -16.32 -24.17 0.96
CA LYS A 196 -17.29 -25.20 1.40
C LYS A 196 -18.43 -25.31 0.37
N ALA A 197 -18.77 -24.25 -0.36
CA ALA A 197 -19.87 -24.23 -1.36
C ALA A 197 -19.35 -24.69 -2.73
N GLY A 198 -18.12 -25.14 -2.82
CA GLY A 198 -17.56 -25.74 -4.05
C GLY A 198 -16.79 -24.75 -4.89
N LYS A 199 -16.55 -23.53 -4.39
CA LYS A 199 -15.83 -22.50 -5.20
C LYS A 199 -14.31 -22.63 -5.03
N ARG A 200 -13.60 -22.27 -6.08
CA ARG A 200 -12.13 -22.12 -6.07
C ARG A 200 -11.76 -20.68 -5.74
N VAL A 201 -11.05 -20.51 -4.64
CA VAL A 201 -10.80 -19.19 -4.05
C VAL A 201 -9.31 -18.97 -3.91
N ILE A 202 -8.84 -17.84 -4.42
CA ILE A 202 -7.46 -17.33 -4.17
C ILE A 202 -7.61 -16.14 -3.22
N GLN A 203 -6.73 -16.04 -2.24
CA GLN A 203 -6.72 -14.93 -1.25
C GLN A 203 -5.47 -14.08 -1.49
N LEU A 204 -5.62 -12.77 -1.55
CA LEU A 204 -4.50 -11.82 -1.71
C LEU A 204 -4.47 -10.86 -0.54
N SER A 205 -3.26 -10.53 -0.09
CA SER A 205 -3.05 -9.45 0.89
C SER A 205 -1.63 -8.95 0.67
N ARG A 206 -1.22 -7.91 1.39
CA ARG A 206 0.08 -7.24 1.14
C ARG A 206 1.22 -8.24 1.18
N LYS A 207 1.29 -9.07 2.22
CA LYS A 207 2.46 -9.96 2.48
C LYS A 207 2.49 -11.11 1.48
N THR A 208 1.36 -11.52 0.92
CA THR A 208 1.30 -12.69 0.02
C THR A 208 1.17 -12.25 -1.45
N PHE A 209 0.93 -10.96 -1.71
CA PHE A 209 0.47 -10.46 -3.04
C PHE A 209 1.36 -11.01 -4.17
N GLU A 210 2.68 -10.82 -4.16
CA GLU A 210 3.46 -11.23 -5.37
C GLU A 210 3.22 -12.70 -5.66
N THR A 211 3.51 -13.57 -4.68
CA THR A 211 3.33 -15.03 -4.81
C THR A 211 1.93 -15.41 -5.27
N GLU A 212 0.89 -14.96 -4.55
CA GLU A 212 -0.46 -15.48 -4.75
C GLU A 212 -1.05 -14.91 -6.05
N PHE A 213 -0.69 -13.67 -6.40
CA PHE A 213 -1.27 -13.00 -7.58
C PHE A 213 -0.99 -13.88 -8.81
N GLN A 214 0.18 -14.51 -8.86
CA GLN A 214 0.53 -15.41 -10.00
C GLN A 214 -0.51 -16.53 -10.16
N LYS A 215 -1.13 -16.99 -9.08
CA LYS A 215 -2.14 -18.07 -9.16
C LYS A 215 -3.32 -17.61 -10.02
N THR A 216 -3.60 -16.31 -10.10
CA THR A 216 -4.76 -15.82 -10.86
C THR A 216 -4.50 -16.04 -12.35
N LYS A 217 -3.23 -16.21 -12.73
CA LYS A 217 -2.82 -16.49 -14.12
C LYS A 217 -2.65 -18.00 -14.37
N ASN A 218 -2.09 -18.75 -13.42
CA ASN A 218 -1.62 -20.15 -13.57
C ASN A 218 -2.71 -21.17 -13.27
N GLN A 219 -3.79 -20.81 -12.56
CA GLN A 219 -4.85 -21.80 -12.26
C GLN A 219 -6.23 -21.18 -12.53
N GLU A 220 -7.25 -22.03 -12.68
CA GLU A 220 -8.64 -21.54 -12.80
C GLU A 220 -9.15 -21.21 -11.39
N TRP A 221 -10.00 -20.21 -11.31
CA TRP A 221 -10.53 -19.72 -10.02
C TRP A 221 -11.93 -19.18 -10.29
N ASP A 222 -12.71 -19.12 -9.22
CA ASP A 222 -14.10 -18.58 -9.22
C ASP A 222 -14.10 -17.23 -8.48
N PHE A 223 -13.37 -17.15 -7.37
CA PHE A 223 -13.33 -15.92 -6.55
C PHE A 223 -11.88 -15.57 -6.22
N VAL A 224 -11.56 -14.30 -6.31
CA VAL A 224 -10.38 -13.72 -5.60
C VAL A 224 -10.89 -12.92 -4.39
N ILE A 225 -10.45 -13.28 -3.21
CA ILE A 225 -10.75 -12.54 -1.95
C ILE A 225 -9.55 -11.68 -1.64
N THR A 226 -9.71 -10.36 -1.68
CA THR A 226 -8.54 -9.48 -1.55
C THR A 226 -8.82 -8.35 -0.57
N THR A 227 -7.74 -7.89 0.06
CA THR A 227 -7.75 -6.63 0.79
C THR A 227 -7.57 -5.51 -0.22
N ASP A 228 -7.45 -4.31 0.29
CA ASP A 228 -7.34 -3.05 -0.48
C ASP A 228 -6.04 -3.08 -1.32
N ILE A 229 -5.10 -4.02 -1.14
CA ILE A 229 -3.85 -3.99 -1.96
C ILE A 229 -4.20 -4.13 -3.45
N SER A 230 -5.33 -4.77 -3.79
CA SER A 230 -5.69 -4.93 -5.24
C SER A 230 -6.25 -3.66 -5.86
N GLU A 231 -6.36 -2.56 -5.11
CA GLU A 231 -6.65 -1.21 -5.66
C GLU A 231 -5.44 -0.66 -6.44
N MET A 232 -4.25 -1.24 -6.32
CA MET A 232 -3.03 -0.59 -6.90
C MET A 232 -2.58 -1.27 -8.22
N GLY A 233 -3.44 -1.31 -9.23
CA GLY A 233 -3.08 -1.73 -10.59
C GLY A 233 -3.06 -3.25 -10.77
N ALA A 234 -3.67 -4.01 -9.87
CA ALA A 234 -3.82 -5.47 -9.95
C ALA A 234 -4.87 -5.75 -11.02
N ASN A 235 -4.54 -6.47 -12.10
CA ASN A 235 -5.56 -6.71 -13.15
C ASN A 235 -5.98 -8.17 -13.19
N PHE A 236 -7.27 -8.36 -13.33
CA PHE A 236 -7.94 -9.68 -13.28
C PHE A 236 -8.77 -9.80 -14.56
N LYS A 237 -8.95 -11.02 -15.03
CA LYS A 237 -9.89 -11.28 -16.15
C LYS A 237 -11.20 -11.66 -15.46
N ALA A 238 -11.94 -10.67 -14.97
CA ALA A 238 -13.13 -10.93 -14.11
C ALA A 238 -14.35 -10.27 -14.73
N ASP A 239 -15.53 -10.68 -14.33
CA ASP A 239 -16.74 -9.96 -14.81
C ASP A 239 -17.57 -9.42 -13.63
N ARG A 240 -17.14 -9.63 -12.38
CA ARG A 240 -17.89 -9.06 -11.24
C ARG A 240 -16.92 -8.59 -10.17
N VAL A 241 -17.20 -7.45 -9.58
CA VAL A 241 -16.58 -7.08 -8.28
C VAL A 241 -17.67 -7.10 -7.22
N ILE A 242 -17.38 -7.71 -6.08
CA ILE A 242 -18.23 -7.59 -4.87
C ILE A 242 -17.43 -6.69 -3.93
N ASP A 243 -18.01 -5.61 -3.50
CA ASP A 243 -17.25 -4.65 -2.67
C ASP A 243 -17.98 -4.45 -1.35
N SER A 244 -17.42 -4.97 -0.26
CA SER A 244 -17.89 -4.69 1.12
C SER A 244 -18.03 -3.17 1.32
N ARG A 245 -17.21 -2.35 0.64
CA ARG A 245 -17.05 -0.90 0.84
C ARG A 245 -16.56 -0.62 2.27
N ARG A 246 -15.80 -1.57 2.83
CA ARG A 246 -15.29 -1.47 4.23
C ARG A 246 -13.79 -1.68 4.23
N CYS A 247 -13.16 -1.00 5.18
CA CYS A 247 -11.69 -1.07 5.37
C CYS A 247 -11.46 -0.96 6.87
N LEU A 248 -10.24 -1.27 7.30
CA LEU A 248 -9.79 -0.95 8.67
C LEU A 248 -8.99 0.32 8.59
N LYS A 249 -9.06 1.13 9.66
CA LYS A 249 -8.29 2.39 9.74
C LYS A 249 -7.37 2.29 10.95
N PRO A 250 -6.03 2.30 10.77
CA PRO A 250 -5.14 2.47 11.91
C PRO A 250 -5.31 3.89 12.45
N VAL A 251 -5.47 3.98 13.76
CA VAL A 251 -5.74 5.22 14.50
C VAL A 251 -4.79 5.22 15.70
N ILE A 252 -4.09 6.32 15.85
CA ILE A 252 -3.23 6.56 17.03
C ILE A 252 -4.11 7.18 18.13
N LEU A 253 -4.23 6.51 19.27
CA LEU A 253 -5.07 7.00 20.41
C LEU A 253 -4.13 7.64 21.44
N ASP A 254 -4.38 8.90 21.84
CA ASP A 254 -3.66 9.55 22.96
C ASP A 254 -2.15 9.49 22.72
N GLY A 255 -1.68 9.58 21.47
CA GLY A 255 -0.24 9.51 21.09
C GLY A 255 0.50 8.26 21.59
N GLU A 256 -0.19 7.19 22.03
CA GLU A 256 0.47 6.15 22.88
C GLU A 256 0.26 4.71 22.38
N ARG A 257 -0.72 4.47 21.49
CA ARG A 257 -1.03 3.11 20.97
C ARG A 257 -1.69 3.26 19.60
N VAL A 258 -1.59 2.23 18.80
CA VAL A 258 -2.32 2.19 17.49
C VAL A 258 -3.36 1.07 17.57
N ILE A 259 -4.59 1.40 17.21
CA ILE A 259 -5.71 0.42 17.13
C ILE A 259 -6.14 0.32 15.67
N LEU A 260 -6.75 -0.80 15.32
CA LEU A 260 -7.31 -0.95 13.95
C LEU A 260 -8.81 -0.76 14.07
N ALA A 261 -9.26 0.47 13.82
CA ALA A 261 -10.65 0.94 13.98
C ALA A 261 -11.46 0.46 12.77
N GLY A 262 -12.75 0.22 13.01
CA GLY A 262 -13.66 -0.25 11.94
C GLY A 262 -14.10 -1.70 12.14
N PRO A 263 -14.49 -2.39 11.05
CA PRO A 263 -14.46 -1.84 9.70
C PRO A 263 -15.36 -0.63 9.51
N MET A 264 -14.94 0.27 8.61
CA MET A 264 -15.69 1.51 8.36
C MET A 264 -15.64 1.80 6.85
N PRO A 265 -16.38 2.82 6.37
CA PRO A 265 -16.51 3.05 4.94
C PRO A 265 -15.13 3.33 4.33
N VAL A 266 -14.99 2.85 3.10
CA VAL A 266 -13.84 3.24 2.25
C VAL A 266 -13.97 4.68 1.74
N THR A 267 -12.87 5.26 1.27
CA THR A 267 -12.90 6.53 0.53
C THR A 267 -13.55 6.33 -0.84
N HIS A 268 -13.97 7.44 -1.44
CA HIS A 268 -14.45 7.43 -2.85
C HIS A 268 -13.34 6.88 -3.76
N ALA A 269 -12.10 7.27 -3.55
CA ALA A 269 -10.97 6.80 -4.40
C ALA A 269 -10.83 5.29 -4.30
N SER A 270 -10.94 4.74 -3.09
CA SER A 270 -10.82 3.27 -2.94
C SER A 270 -11.98 2.64 -3.67
N ALA A 271 -13.21 3.11 -3.45
CA ALA A 271 -14.42 2.51 -4.08
C ALA A 271 -14.27 2.53 -5.60
N ALA A 272 -13.79 3.64 -6.18
CA ALA A 272 -13.61 3.77 -7.64
C ALA A 272 -12.56 2.78 -8.12
N GLN A 273 -11.47 2.61 -7.37
CA GLN A 273 -10.39 1.66 -7.77
C GLN A 273 -10.89 0.23 -7.70
N ARG A 274 -11.68 -0.12 -6.68
CA ARG A 274 -12.22 -1.49 -6.49
C ARG A 274 -13.15 -1.79 -7.69
N ARG A 275 -14.11 -0.92 -7.91
CA ARG A 275 -15.02 -0.97 -9.08
C ARG A 275 -14.20 -1.05 -10.37
N GLY A 276 -13.10 -0.30 -10.45
CA GLY A 276 -12.28 -0.17 -11.67
C GLY A 276 -11.54 -1.43 -12.01
N ARG A 277 -11.69 -2.52 -11.24
CA ARG A 277 -11.09 -3.82 -11.60
C ARG A 277 -11.91 -4.37 -12.76
N ILE A 278 -13.17 -3.95 -12.91
CA ILE A 278 -14.00 -4.50 -14.01
C ILE A 278 -14.49 -3.36 -14.90
N GLY A 279 -15.20 -3.67 -15.99
CA GLY A 279 -15.56 -2.71 -17.03
C GLY A 279 -14.37 -2.30 -17.91
N ARG A 280 -13.30 -3.11 -17.92
CA ARG A 280 -12.01 -2.75 -18.54
C ARG A 280 -11.99 -3.20 -19.99
N ASN A 281 -12.88 -4.10 -20.40
CA ASN A 281 -12.84 -4.70 -21.77
C ASN A 281 -13.96 -4.11 -22.61
N PRO A 282 -13.69 -3.26 -23.64
CA PRO A 282 -14.76 -2.61 -24.39
C PRO A 282 -15.64 -3.62 -25.15
N ASN A 283 -15.15 -4.84 -25.35
CA ASN A 283 -15.85 -5.97 -26.01
C ASN A 283 -16.69 -6.79 -25.02
N LYS A 284 -16.69 -6.45 -23.73
CA LYS A 284 -17.51 -7.18 -22.72
C LYS A 284 -18.25 -6.18 -21.85
N PRO A 285 -19.35 -5.57 -22.33
CA PRO A 285 -20.18 -4.70 -21.50
C PRO A 285 -20.98 -5.51 -20.48
N GLY A 286 -21.39 -4.87 -19.38
CA GLY A 286 -22.27 -5.48 -18.37
C GLY A 286 -21.51 -6.24 -17.29
N ASP A 287 -20.22 -5.99 -17.14
CA ASP A 287 -19.55 -6.39 -15.88
C ASP A 287 -20.34 -5.78 -14.74
N GLU A 288 -20.28 -6.41 -13.58
CA GLU A 288 -21.13 -6.12 -12.43
C GLU A 288 -20.29 -5.57 -11.28
N TYR A 289 -20.82 -4.57 -10.61
CA TYR A 289 -20.24 -4.02 -9.36
C TYR A 289 -21.34 -3.99 -8.32
N MET A 290 -21.20 -4.91 -7.37
CA MET A 290 -22.14 -5.01 -6.23
C MET A 290 -21.47 -4.38 -5.03
N TYR A 291 -22.13 -3.39 -4.41
CA TYR A 291 -21.44 -2.66 -3.31
C TYR A 291 -22.34 -2.60 -2.09
N GLY A 292 -21.73 -2.79 -0.91
CA GLY A 292 -22.46 -3.08 0.35
C GLY A 292 -22.45 -1.96 1.36
N GLY A 293 -22.16 -0.73 0.98
CA GLY A 293 -22.19 0.45 1.85
C GLY A 293 -21.71 1.69 1.16
N GLY A 294 -21.82 2.81 1.86
CA GLY A 294 -21.46 4.13 1.36
C GLY A 294 -19.95 4.36 1.43
N CYS A 295 -19.52 5.48 0.90
CA CYS A 295 -18.11 5.94 1.03
C CYS A 295 -18.05 7.16 1.94
N ALA A 296 -16.89 7.39 2.52
CA ALA A 296 -16.64 8.58 3.34
C ALA A 296 -15.13 8.82 3.35
N GLU A 297 -14.66 10.02 3.65
N GLU A 297 -14.77 10.00 3.86
CA GLU A 297 -13.19 10.32 3.58
CA GLU A 297 -13.40 10.57 4.06
C GLU A 297 -12.56 9.91 4.93
C GLU A 297 -12.74 9.88 5.24
N THR A 298 -12.43 8.59 5.14
CA THR A 298 -11.84 7.90 6.31
C THR A 298 -10.29 8.00 6.30
N ASP A 299 -9.68 8.67 5.33
CA ASP A 299 -8.20 8.88 5.36
C ASP A 299 -7.91 10.02 6.34
N GLU A 300 -8.93 10.75 6.74
CA GLU A 300 -8.76 11.88 7.69
C GLU A 300 -8.43 11.30 9.06
N GLY A 301 -7.25 11.61 9.62
CA GLY A 301 -6.83 11.10 10.94
C GLY A 301 -6.28 9.69 10.84
N HIS A 302 -6.10 9.17 9.64
CA HIS A 302 -5.61 7.78 9.46
C HIS A 302 -4.10 7.80 9.75
N ALA A 303 -3.57 6.85 10.51
CA ALA A 303 -2.17 6.84 10.95
C ALA A 303 -1.21 6.90 9.77
N HIS A 304 -1.54 6.38 8.58
CA HIS A 304 -0.57 6.43 7.46
C HIS A 304 -0.05 7.86 7.17
N TRP A 305 -0.88 8.89 7.32
CA TRP A 305 -0.44 10.27 7.00
C TRP A 305 0.50 10.82 8.11
N LEU A 306 0.29 10.41 9.35
CA LEU A 306 1.23 10.74 10.45
C LEU A 306 2.53 9.96 10.19
N GLU A 307 2.44 8.66 9.90
CA GLU A 307 3.66 7.88 9.55
C GLU A 307 4.43 8.52 8.38
N ALA A 308 3.74 9.02 7.35
CA ALA A 308 4.38 9.71 6.22
C ALA A 308 5.17 10.92 6.71
N ARG A 309 4.63 11.67 7.68
CA ARG A 309 5.38 12.80 8.28
C ARG A 309 6.60 12.30 9.04
N MET A 310 6.51 11.15 9.73
CA MET A 310 7.68 10.59 10.41
C MET A 310 8.77 10.30 9.37
N LEU A 311 8.39 9.74 8.21
CA LEU A 311 9.41 9.42 7.18
C LEU A 311 10.02 10.72 6.62
N LEU A 312 9.18 11.69 6.27
CA LEU A 312 9.65 12.93 5.59
C LEU A 312 10.48 13.77 6.55
N ASP A 313 10.18 13.76 7.84
CA ASP A 313 10.97 14.51 8.84
C ASP A 313 12.39 13.98 8.87
N ASN A 314 12.62 12.76 8.36
CA ASN A 314 13.91 12.06 8.52
C ASN A 314 14.57 11.93 7.14
N ILE A 315 14.12 12.72 6.16
CA ILE A 315 14.69 12.72 4.80
C ILE A 315 15.31 14.10 4.55
N TYR A 316 16.57 14.12 4.18
CA TYR A 316 17.27 15.39 3.85
C TYR A 316 16.70 15.91 2.55
N LEU A 317 16.37 17.19 2.53
CA LEU A 317 15.93 17.83 1.26
C LEU A 317 16.90 18.97 0.97
N GLN A 318 16.84 19.99 1.84
CA GLN A 318 17.78 21.13 1.83
C GLN A 318 17.92 21.63 3.27
N ASP A 319 19.07 22.20 3.56
CA ASP A 319 19.70 22.36 4.90
C ASP A 319 18.78 21.91 6.05
N GLY A 320 17.95 22.82 6.56
CA GLY A 320 16.99 22.53 7.62
C GLY A 320 15.62 22.20 7.05
N LEU A 321 15.39 22.48 5.75
CA LEU A 321 14.06 22.36 5.11
C LEU A 321 13.63 20.89 5.10
N ILE A 322 12.35 20.72 5.28
CA ILE A 322 11.72 19.37 5.32
C ILE A 322 10.59 19.36 4.31
N ALA A 323 10.47 18.28 3.56
CA ALA A 323 9.39 18.17 2.54
C ALA A 323 8.03 18.23 3.23
N SER A 324 7.10 18.92 2.58
CA SER A 324 5.67 18.97 2.95
C SER A 324 4.96 17.78 2.31
N LEU A 325 3.82 17.38 2.89
CA LEU A 325 2.91 16.46 2.16
C LEU A 325 2.41 17.17 0.89
N TYR A 326 2.14 16.38 -0.14
CA TYR A 326 1.46 16.82 -1.37
C TYR A 326 0.17 17.56 -0.93
N ARG A 327 -0.01 18.79 -1.42
CA ARG A 327 -1.03 19.74 -0.90
C ARG A 327 -2.40 19.07 -0.73
N PRO A 328 -2.97 18.37 -1.74
CA PRO A 328 -4.31 17.81 -1.62
C PRO A 328 -4.52 16.79 -0.49
N GLU A 329 -3.45 16.22 0.06
CA GLU A 329 -3.58 15.21 1.13
C GLU A 329 -2.95 15.75 2.42
N ALA A 330 -2.49 17.00 2.44
CA ALA A 330 -1.71 17.56 3.58
C ALA A 330 -2.57 17.79 4.84
N ASP A 331 -3.88 17.92 4.71
CA ASP A 331 -4.78 18.13 5.88
C ASP A 331 -5.17 16.82 6.54
N LYS A 332 -4.79 15.67 5.99
CA LYS A 332 -5.24 14.36 6.55
C LYS A 332 -4.54 14.09 7.89
N VAL A 333 -3.56 14.92 8.25
CA VAL A 333 -2.81 14.76 9.53
C VAL A 333 -2.66 16.14 10.18
N ALA A 334 -2.77 16.20 11.50
CA ALA A 334 -2.45 17.36 12.35
C ALA A 334 -1.03 17.17 12.86
N ALA A 335 -0.02 17.70 12.17
CA ALA A 335 1.37 17.51 12.61
C ALA A 335 2.20 18.75 12.31
N ILE A 336 3.29 18.89 13.04
CA ILE A 336 4.28 19.99 12.93
C ILE A 336 5.45 19.45 12.11
N GLU A 337 5.73 20.05 10.96
CA GLU A 337 6.87 19.67 10.09
C GLU A 337 8.11 19.72 10.97
N GLY A 338 8.89 18.63 10.95
CA GLY A 338 10.07 18.51 11.80
C GLY A 338 9.83 17.88 13.17
N GLU A 339 8.58 17.67 13.62
CA GLU A 339 8.37 17.18 15.01
C GLU A 339 9.03 15.82 15.18
N PHE A 340 9.20 15.02 14.11
CA PHE A 340 9.68 13.62 14.19
C PHE A 340 11.13 13.50 13.74
N LYS A 341 11.82 14.63 13.51
CA LYS A 341 13.22 14.61 13.08
C LYS A 341 14.12 14.00 14.14
N LEU A 342 14.79 12.91 13.79
CA LEU A 342 15.71 12.21 14.74
C LEU A 342 17.17 12.61 14.50
N ARG A 343 17.95 12.62 15.58
CA ARG A 343 19.43 12.68 15.51
C ARG A 343 19.96 11.46 14.74
N THR A 344 21.12 11.59 14.10
CA THR A 344 21.70 10.59 13.18
C THR A 344 21.55 9.15 13.74
N GLU A 345 21.92 8.93 14.98
CA GLU A 345 22.01 7.54 15.52
C GLU A 345 20.60 6.99 15.76
N GLN A 346 19.70 7.78 16.31
CA GLN A 346 18.28 7.33 16.43
C GLN A 346 17.67 7.16 15.03
N ARG A 347 17.98 8.00 14.04
CA ARG A 347 17.43 7.80 12.68
C ARG A 347 17.90 6.46 12.13
N LYS A 348 19.17 6.10 12.33
CA LYS A 348 19.65 4.81 11.80
C LYS A 348 18.83 3.68 12.42
N THR A 349 18.57 3.78 13.72
CA THR A 349 17.79 2.75 14.49
C THR A 349 16.36 2.66 13.92
N PHE A 350 15.77 3.81 13.67
CA PHE A 350 14.41 3.95 13.10
C PHE A 350 14.33 3.21 11.76
N VAL A 351 15.30 3.47 10.91
CA VAL A 351 15.40 2.81 9.58
C VAL A 351 15.54 1.31 9.74
N GLU A 352 16.43 0.87 10.61
CA GLU A 352 16.68 -0.60 10.72
C GLU A 352 15.42 -1.28 11.27
N LEU A 353 14.70 -0.66 12.20
CA LEU A 353 13.47 -1.27 12.79
C LEU A 353 12.43 -1.44 11.67
N MET A 354 12.40 -0.51 10.71
CA MET A 354 11.44 -0.65 9.58
C MET A 354 11.97 -1.67 8.57
N LYS A 355 13.22 -1.55 8.16
CA LYS A 355 13.76 -2.34 7.04
C LYS A 355 13.98 -3.79 7.50
N ARG A 356 14.86 -4.01 8.45
CA ARG A 356 15.15 -5.41 8.92
C ARG A 356 14.04 -5.83 9.89
N GLY A 357 13.68 -4.94 10.81
CA GLY A 357 12.68 -5.26 11.85
C GLY A 357 11.28 -5.51 11.30
N ASP A 358 10.97 -4.92 10.16
CA ASP A 358 9.63 -5.04 9.53
C ASP A 358 8.56 -4.54 10.51
N LEU A 359 8.86 -3.52 11.30
CA LEU A 359 7.85 -2.93 12.20
C LEU A 359 7.11 -1.79 11.49
N PRO A 360 5.85 -1.52 11.86
CA PRO A 360 5.11 -0.35 11.36
C PRO A 360 5.90 0.92 11.67
N VAL A 361 5.81 1.90 10.78
CA VAL A 361 6.56 3.18 10.97
C VAL A 361 6.32 3.71 12.39
N TRP A 362 5.07 3.80 12.81
CA TRP A 362 4.74 4.42 14.13
C TRP A 362 5.53 3.69 15.22
N LEU A 363 5.48 2.37 15.22
CA LEU A 363 6.12 1.57 16.29
C LEU A 363 7.64 1.72 16.24
N ALA A 364 8.25 1.62 15.04
CA ALA A 364 9.69 1.88 14.83
C ALA A 364 10.09 3.23 15.44
N TYR A 365 9.28 4.26 15.21
CA TYR A 365 9.55 5.61 15.72
C TYR A 365 9.56 5.62 17.25
N GLN A 366 8.55 5.01 17.89
CA GLN A 366 8.48 4.99 19.38
C GLN A 366 9.77 4.38 19.90
N VAL A 367 10.18 3.26 19.36
CA VAL A 367 11.38 2.54 19.89
C VAL A 367 12.63 3.39 19.65
N ALA A 368 12.82 3.91 18.44
CA ALA A 368 14.05 4.66 18.10
C ALA A 368 14.10 5.93 18.96
N SER A 369 12.99 6.65 19.08
CA SER A 369 12.92 7.96 19.77
C SER A 369 13.10 7.78 21.28
N ALA A 370 12.85 6.58 21.80
CA ALA A 370 13.13 6.22 23.21
C ALA A 370 14.63 5.94 23.46
N GLY A 371 15.53 5.96 22.46
CA GLY A 371 16.97 5.74 22.70
C GLY A 371 17.32 4.27 22.81
N ILE A 372 16.44 3.39 22.33
CA ILE A 372 16.58 1.91 22.33
C ILE A 372 17.34 1.51 21.08
N THR A 373 18.31 0.62 21.22
CA THR A 373 19.07 0.12 20.06
C THR A 373 18.33 -1.01 19.36
N TYR A 374 18.63 -1.22 18.09
CA TYR A 374 17.80 -2.10 17.22
C TYR A 374 17.67 -3.50 17.87
N THR A 375 18.74 -4.03 18.43
CA THR A 375 18.76 -5.44 18.93
C THR A 375 18.24 -5.56 20.36
N ASP A 376 17.93 -4.47 21.05
CA ASP A 376 17.48 -4.49 22.46
C ASP A 376 15.97 -4.70 22.48
N ARG A 377 15.53 -5.91 22.82
CA ARG A 377 14.11 -6.28 22.70
C ARG A 377 13.42 -6.28 24.05
N ARG A 378 14.03 -5.68 25.08
CA ARG A 378 13.42 -5.67 26.42
C ARG A 378 12.03 -5.04 26.38
N TRP A 379 11.87 -4.01 25.54
CA TRP A 379 10.59 -3.28 25.37
C TRP A 379 9.46 -4.20 24.91
N CYS A 380 9.74 -5.37 24.32
CA CYS A 380 8.66 -6.27 23.84
C CYS A 380 7.96 -6.95 25.02
N PHE A 381 8.50 -6.84 26.23
CA PHE A 381 8.06 -7.61 27.41
C PHE A 381 7.71 -6.70 28.59
N ASP A 382 7.98 -5.40 28.60
CA ASP A 382 7.90 -4.59 29.86
C ASP A 382 6.76 -3.58 29.79
N GLY A 383 5.76 -3.81 28.92
CA GLY A 383 4.58 -2.93 28.84
C GLY A 383 3.55 -3.21 29.94
N THR A 384 2.50 -2.38 30.02
CA THR A 384 1.38 -2.52 30.99
C THR A 384 0.63 -3.82 30.68
N THR A 385 -0.14 -4.34 31.63
CA THR A 385 -0.93 -5.59 31.46
C THR A 385 -1.90 -5.50 30.26
N ASN A 386 -2.53 -4.35 30.03
CA ASN A 386 -3.51 -4.19 28.92
C ASN A 386 -2.78 -4.18 27.57
N ASN A 387 -1.44 -4.21 27.54
CA ASN A 387 -0.66 -4.32 26.27
C ASN A 387 -0.32 -5.77 25.97
N THR A 388 -0.81 -6.70 26.79
CA THR A 388 -0.63 -8.15 26.55
C THR A 388 -1.21 -8.55 25.19
N ILE A 389 -0.41 -9.19 24.35
CA ILE A 389 -0.90 -9.72 23.06
C ILE A 389 -1.47 -11.10 23.30
N MET A 390 -2.63 -11.35 22.72
CA MET A 390 -3.36 -12.62 22.89
C MET A 390 -3.25 -13.43 21.61
N GLU A 391 -3.15 -14.75 21.73
N GLU A 391 -3.21 -14.76 21.76
CA GLU A 391 -3.22 -15.72 20.59
CA GLU A 391 -3.16 -15.77 20.67
C GLU A 391 -4.09 -16.92 21.02
C GLU A 391 -4.11 -16.93 21.06
N ASP A 392 -5.19 -17.15 20.30
CA ASP A 392 -6.23 -18.18 20.67
C ASP A 392 -6.71 -17.95 22.12
N SER A 393 -6.94 -16.70 22.51
CA SER A 393 -7.55 -16.25 23.78
C SER A 393 -6.69 -16.57 25.02
N VAL A 394 -5.40 -16.90 24.84
CA VAL A 394 -4.37 -17.00 25.92
C VAL A 394 -3.29 -15.95 25.63
N PRO A 395 -2.60 -15.38 26.64
CA PRO A 395 -1.48 -14.46 26.37
C PRO A 395 -0.48 -15.15 25.44
N ALA A 396 0.02 -14.47 24.41
CA ALA A 396 1.08 -15.01 23.51
C ALA A 396 2.41 -15.04 24.27
N GLU A 397 3.23 -16.04 23.98
CA GLU A 397 4.49 -16.30 24.73
C GLU A 397 5.61 -16.58 23.75
N VAL A 398 6.82 -16.12 24.06
CA VAL A 398 8.02 -16.48 23.24
C VAL A 398 9.14 -16.81 24.21
N TRP A 399 10.16 -17.45 23.70
CA TRP A 399 11.43 -17.62 24.43
C TRP A 399 12.28 -16.43 24.02
N THR A 400 12.72 -15.64 24.98
CA THR A 400 13.66 -14.53 24.72
C THR A 400 15.00 -15.10 24.23
N LYS A 401 15.84 -14.21 23.73
CA LYS A 401 17.21 -14.50 23.28
C LYS A 401 18.00 -15.04 24.47
N TYR A 402 17.51 -14.81 25.70
CA TYR A 402 18.18 -15.33 26.93
C TYR A 402 17.74 -16.76 27.24
N GLY A 403 16.70 -17.27 26.58
CA GLY A 403 16.18 -18.64 26.77
C GLY A 403 15.09 -18.66 27.84
N GLU A 404 14.48 -17.52 28.15
CA GLU A 404 13.45 -17.41 29.20
C GLU A 404 12.08 -17.35 28.49
N LYS A 405 11.09 -18.11 28.93
CA LYS A 405 9.71 -17.96 28.38
C LYS A 405 9.05 -16.71 28.97
N ARG A 406 8.56 -15.81 28.12
CA ARG A 406 7.91 -14.57 28.58
C ARG A 406 6.65 -14.28 27.76
N VAL A 407 5.70 -13.65 28.45
CA VAL A 407 4.48 -13.09 27.83
C VAL A 407 4.87 -11.85 27.01
N LEU A 408 4.39 -11.87 25.78
CA LEU A 408 4.51 -10.71 24.86
C LEU A 408 3.60 -9.58 25.36
N LYS A 409 4.21 -8.47 25.74
CA LYS A 409 3.56 -7.34 26.43
C LYS A 409 4.36 -6.11 26.06
N PRO A 410 4.24 -5.63 24.80
CA PRO A 410 5.09 -4.54 24.33
C PRO A 410 4.79 -3.22 25.04
N ARG A 411 5.85 -2.44 25.20
CA ARG A 411 5.77 -1.12 25.88
C ARG A 411 4.87 -0.19 25.08
N TRP A 412 4.90 -0.34 23.74
CA TRP A 412 4.01 0.38 22.79
C TRP A 412 3.24 -0.67 22.02
N MET A 413 1.93 -0.56 22.03
CA MET A 413 1.02 -1.54 21.41
C MET A 413 0.57 -0.96 20.05
N ASP A 414 0.96 -1.60 18.97
CA ASP A 414 0.47 -1.30 17.61
C ASP A 414 -0.26 -2.53 17.08
N ALA A 415 -1.58 -2.43 16.90
CA ALA A 415 -2.46 -3.55 16.54
C ALA A 415 -1.97 -4.22 15.26
N ARG A 416 -1.21 -3.51 14.44
CA ARG A 416 -0.76 -4.11 13.16
C ARG A 416 0.21 -5.26 13.39
N VAL A 417 0.88 -5.34 14.53
CA VAL A 417 1.88 -6.43 14.72
C VAL A 417 1.14 -7.73 15.05
N CYS A 418 -0.17 -7.73 15.26
CA CYS A 418 -0.88 -8.98 15.62
C CYS A 418 -2.28 -9.03 15.00
N SER A 419 -2.46 -8.38 13.84
CA SER A 419 -3.77 -8.23 13.15
C SER A 419 -4.20 -9.56 12.50
N ASP A 420 -3.26 -10.47 12.33
CA ASP A 420 -3.50 -11.83 11.79
C ASP A 420 -2.38 -12.77 12.25
N HIS A 421 -2.54 -14.07 12.00
CA HIS A 421 -1.57 -15.10 12.45
C HIS A 421 -0.17 -14.78 11.92
N ALA A 422 -0.03 -14.44 10.63
CA ALA A 422 1.29 -14.16 10.00
C ALA A 422 1.95 -12.96 10.67
N ALA A 423 1.19 -11.88 10.89
CA ALA A 423 1.74 -10.68 11.58
C ALA A 423 2.28 -11.10 12.94
N LEU A 424 1.48 -11.80 13.74
CA LEU A 424 1.89 -12.13 15.13
C LEU A 424 3.08 -13.07 15.10
N LYS A 425 3.13 -14.00 14.14
CA LYS A 425 4.31 -14.89 14.02
C LYS A 425 5.57 -14.05 13.78
N SER A 426 5.51 -13.08 12.85
CA SER A 426 6.65 -12.18 12.56
C SER A 426 7.06 -11.41 13.83
N PHE A 427 6.09 -10.89 14.57
CA PHE A 427 6.42 -10.07 15.75
C PHE A 427 7.02 -10.94 16.87
N LYS A 428 6.52 -12.17 17.03
CA LYS A 428 7.12 -13.15 17.99
C LYS A 428 8.59 -13.39 17.64
N GLU A 429 8.93 -13.56 16.38
CA GLU A 429 10.33 -13.78 15.93
C GLU A 429 11.15 -12.54 16.26
N PHE A 430 10.58 -11.36 16.06
CA PHE A 430 11.25 -10.11 16.42
C PHE A 430 11.52 -10.11 17.93
N ALA A 431 10.49 -10.31 18.75
CA ALA A 431 10.60 -10.20 20.22
C ALA A 431 11.66 -11.21 20.72
N ALA A 432 11.76 -12.35 20.05
CA ALA A 432 12.72 -13.43 20.38
C ALA A 432 14.16 -13.10 19.99
N GLY A 433 14.39 -12.01 19.26
CA GLY A 433 15.73 -11.64 18.76
C GLY A 433 16.18 -12.43 17.55
N LYS A 434 15.26 -12.98 16.77
CA LYS A 434 15.58 -13.84 15.62
C LYS A 434 15.79 -13.03 14.32
N ARG A 435 15.65 -11.72 14.36
CA ARG A 435 16.11 -10.88 13.22
C ARG A 435 16.39 -9.47 13.73
C1 EDO B . 3.24 -3.85 -1.22
O1 EDO B . 3.17 -3.54 0.16
C2 EDO B . 3.25 -5.31 -1.45
O2 EDO B . 4.26 -5.70 -2.35
P PO4 C . -4.63 2.43 -16.87
O1 PO4 C . -3.17 2.33 -16.41
O2 PO4 C . -5.01 3.88 -17.25
O3 PO4 C . -5.58 1.95 -15.76
O4 PO4 C . -4.82 1.53 -18.16
P PO4 D . -2.67 -2.94 7.51
O1 PO4 D . -1.18 -2.63 7.50
O2 PO4 D . -2.99 -3.89 8.66
O3 PO4 D . -3.45 -1.63 7.70
O4 PO4 D . -3.06 -3.57 6.18
C1 MPD E . 8.64 2.77 5.09
C2 MPD E . 9.76 1.90 4.53
O2 MPD E . 9.53 0.57 5.05
CM MPD E . 9.66 1.79 3.02
C3 MPD E . 11.12 2.45 4.95
C4 MPD E . 12.15 1.48 5.45
O4 MPD E . 12.03 0.17 4.89
C5 MPD E . 13.55 1.99 5.38
N1 UQS F . 16.73 -17.10 19.78
C4 UQS F . 17.41 -18.99 23.32
C5 UQS F . 16.58 -20.13 23.26
C6 UQS F . 15.16 -20.10 22.75
C7 UQS F . 15.47 -18.70 20.83
C8 UQS F . 16.63 -18.43 20.02
N UQS F . 15.04 -19.93 21.31
C UQS F . 17.10 -21.37 23.72
C1 UQS F . 18.45 -21.46 24.21
C2 UQS F . 19.23 -20.27 24.25
C3 UQS F . 18.72 -19.07 23.79
C9 UQS F . 14.84 -17.45 21.06
F UQS F . 16.30 -22.46 23.66
N2 UQS F . 15.66 -16.52 20.41
#